data_3MRB
#
_entry.id   3MRB
#
_cell.length_a   53.360
_cell.length_b   81.090
_cell.length_c   56.790
_cell.angle_alpha   90.000
_cell.angle_beta   112.930
_cell.angle_gamma   90.000
#
_symmetry.space_group_name_H-M   'P 1 21 1'
#
loop_
_entity.id
_entity.type
_entity.pdbx_description
1 polymer 'HLA class I histocompatibility antigen, A-2 alpha chain'
2 polymer Beta-2-microglobulin
3 polymer '9-meric peptide from Tegument protein pp65'
4 water water
#
loop_
_entity_poly.entity_id
_entity_poly.type
_entity_poly.pdbx_seq_one_letter_code
_entity_poly.pdbx_strand_id
1 'polypeptide(L)'
;GSHSMRYFFTSVSRPGRGEPRFIAVGYVDDTQFVRFDSDAASQRMEPRAPWIEQEGPEYWDGETRKVKAHSQTHRVDLGT
LRGYYNQSEAGSHTVQRMYGCDVGSDWRFLRGYHQYAYDGKDYIALKEDLRSWTAADMAAQTTKHKWEAAHVAEQLRAYL
EGTCVEWLRRYLENGKETLQRTDAPKTHMTHHAVSDHEATLRCWALSFYPAEITLTWQRDGEDQTQDTELVETRPAGDGT
FQKWVAVVVPSGQEQRYTCHVQHEGLPKPLTLRWEP
;
A
2 'polypeptide(L)'
;MIQRTPKIQVYSRHPAENGKSNFLNCYVSGFHPSDIEVDLLKNGERIEKVEHSDLSFSKDWSFYLLYYTEFTPTEKDEYA
CRVNHVTLSQPKIVKWDRDM
;
B
3 'polypeptide(L)' NLVPMVHTV P
#
# COMPACT_ATOMS: atom_id res chain seq x y z
N GLY A 1 1.55 -2.45 -21.02
CA GLY A 1 2.25 -3.11 -19.90
C GLY A 1 1.33 -4.03 -19.11
N SER A 2 1.87 -4.57 -18.03
CA SER A 2 1.20 -5.52 -17.14
CA SER A 2 1.15 -5.53 -17.21
C SER A 2 0.15 -4.82 -16.26
N HIS A 3 -0.82 -5.58 -15.78
CA HIS A 3 -1.85 -5.02 -14.89
C HIS A 3 -2.27 -6.06 -13.88
N SER A 4 -2.96 -5.60 -12.84
CA SER A 4 -3.41 -6.47 -11.77
C SER A 4 -4.70 -5.98 -11.16
N MET A 5 -5.45 -6.90 -10.58
CA MET A 5 -6.53 -6.50 -9.68
C MET A 5 -6.26 -7.20 -8.36
N ARG A 6 -6.38 -6.45 -7.27
CA ARG A 6 -6.08 -6.98 -5.94
CA ARG A 6 -6.13 -7.05 -5.96
C ARG A 6 -7.08 -6.49 -4.92
N TYR A 7 -7.48 -7.37 -4.02
CA TYR A 7 -8.30 -6.98 -2.90
C TYR A 7 -7.53 -7.29 -1.63
N PHE A 8 -7.67 -6.38 -0.69
CA PHE A 8 -7.03 -6.47 0.62
C PHE A 8 -8.08 -6.38 1.71
N PHE A 9 -8.01 -7.28 2.68
CA PHE A 9 -9.01 -7.30 3.73
C PHE A 9 -8.31 -7.40 5.07
N THR A 10 -8.76 -6.60 6.03
CA THR A 10 -8.24 -6.66 7.38
C THR A 10 -9.40 -6.72 8.37
N SER A 11 -9.37 -7.70 9.28
CA SER A 11 -10.34 -7.72 10.38
C SER A 11 -9.57 -7.71 11.69
N VAL A 12 -10.03 -6.87 12.62
CA VAL A 12 -9.35 -6.71 13.90
C VAL A 12 -10.39 -6.92 15.00
N SER A 13 -10.23 -7.95 15.83
CA SER A 13 -11.26 -8.24 16.84
C SER A 13 -11.31 -7.15 17.93
N ARG A 14 -12.50 -6.96 18.49
CA ARG A 14 -12.75 -5.98 19.54
C ARG A 14 -13.26 -6.71 20.77
N PRO A 15 -12.31 -7.01 21.68
N PRO A 15 -12.38 -7.28 21.58
CA PRO A 15 -12.54 -7.67 22.95
CA PRO A 15 -12.99 -8.16 22.59
C PRO A 15 -13.47 -6.82 23.79
C PRO A 15 -14.31 -7.61 23.21
N GLY A 16 -14.34 -7.49 24.52
CA GLY A 16 -15.36 -6.77 25.29
C GLY A 16 -16.75 -6.53 24.73
N ARG A 17 -16.85 -6.13 23.46
CA ARG A 17 -18.17 -5.88 22.92
C ARG A 17 -18.19 -5.82 21.39
N GLY A 18 -19.07 -6.61 20.80
CA GLY A 18 -19.37 -6.46 19.40
C GLY A 18 -18.44 -7.15 18.43
N GLU A 19 -18.64 -6.82 17.17
CA GLU A 19 -17.95 -7.52 16.09
C GLU A 19 -16.63 -6.82 15.74
N PRO A 20 -15.78 -7.50 14.96
CA PRO A 20 -14.51 -6.92 14.59
C PRO A 20 -14.65 -5.72 13.68
N ARG A 21 -13.60 -4.90 13.63
CA ARG A 21 -13.51 -3.82 12.66
C ARG A 21 -13.04 -4.45 11.37
N PHE A 22 -13.78 -4.28 10.28
CA PHE A 22 -13.44 -4.91 9.01
C PHE A 22 -13.27 -3.84 7.94
N ILE A 23 -12.13 -3.87 7.26
CA ILE A 23 -11.85 -2.93 6.18
C ILE A 23 -11.44 -3.67 4.91
N ALA A 24 -12.15 -3.43 3.82
CA ALA A 24 -11.82 -4.05 2.54
C ALA A 24 -11.51 -2.96 1.54
N VAL A 25 -10.44 -3.15 0.77
CA VAL A 25 -10.12 -2.21 -0.29
C VAL A 25 -9.78 -2.95 -1.58
N GLY A 26 -10.23 -2.40 -2.71
CA GLY A 26 -9.88 -3.01 -4.00
C GLY A 26 -9.08 -2.07 -4.87
N TYR A 27 -8.14 -2.65 -5.61
CA TYR A 27 -7.24 -1.89 -6.46
C TYR A 27 -7.19 -2.49 -7.86
N VAL A 28 -7.10 -1.61 -8.84
CA VAL A 28 -6.60 -1.99 -10.18
CA VAL A 28 -6.58 -2.03 -10.14
C VAL A 28 -5.23 -1.34 -10.27
N ASP A 29 -4.18 -2.14 -10.49
CA ASP A 29 -2.81 -1.62 -10.48
C ASP A 29 -2.61 -0.82 -9.17
N ASP A 30 -2.20 0.45 -9.27
CA ASP A 30 -1.96 1.28 -8.08
C ASP A 30 -3.13 2.22 -7.79
N THR A 31 -4.30 1.90 -8.31
CA THR A 31 -5.47 2.78 -8.16
C THR A 31 -6.55 2.11 -7.34
N GLN A 32 -6.86 2.67 -6.17
CA GLN A 32 -7.95 2.16 -5.36
CA GLN A 32 -7.96 2.14 -5.37
C GLN A 32 -9.26 2.50 -6.04
N PHE A 33 -10.17 1.54 -6.11
CA PHE A 33 -11.44 1.82 -6.76
C PHE A 33 -12.66 1.54 -5.90
N VAL A 34 -12.53 0.74 -4.84
CA VAL A 34 -13.65 0.49 -3.95
C VAL A 34 -13.16 0.36 -2.52
N ARG A 35 -14.05 0.64 -1.57
CA ARG A 35 -13.79 0.36 -0.15
C ARG A 35 -15.06 -0.06 0.58
N PHE A 36 -14.85 -0.83 1.64
CA PHE A 36 -15.90 -1.04 2.64
C PHE A 36 -15.25 -0.86 4.00
N ASP A 37 -15.91 -0.13 4.89
CA ASP A 37 -15.42 0.04 6.25
C ASP A 37 -16.60 -0.20 7.17
N SER A 38 -16.51 -1.24 7.98
CA SER A 38 -17.58 -1.54 8.92
C SER A 38 -17.95 -0.40 9.88
N ASP A 39 -17.03 0.51 10.15
CA ASP A 39 -17.29 1.64 11.06
C ASP A 39 -18.06 2.77 10.36
N ALA A 40 -18.13 2.72 9.04
CA ALA A 40 -18.76 3.79 8.26
C ALA A 40 -20.29 3.62 8.26
N ALA A 41 -21.00 4.73 8.16
CA ALA A 41 -22.43 4.75 8.35
C ALA A 41 -23.22 4.06 7.23
N SER A 42 -22.70 4.05 6.01
CA SER A 42 -23.45 3.54 4.85
C SER A 42 -23.68 2.04 4.89
N GLN A 43 -22.70 1.30 5.41
CA GLN A 43 -22.72 -0.16 5.34
C GLN A 43 -22.88 -0.66 3.90
N ARG A 44 -22.28 0.08 2.96
CA ARG A 44 -22.27 -0.29 1.56
C ARG A 44 -20.83 -0.29 1.05
N MET A 45 -20.55 -1.11 0.05
CA MET A 45 -19.30 -0.97 -0.70
C MET A 45 -19.41 0.36 -1.39
N GLU A 46 -18.35 1.15 -1.35
CA GLU A 46 -18.40 2.54 -1.83
C GLU A 46 -17.39 2.72 -2.98
N PRO A 47 -17.72 3.55 -3.99
CA PRO A 47 -16.76 3.84 -5.06
C PRO A 47 -15.65 4.75 -4.57
N ARG A 48 -14.46 4.56 -5.14
CA ARG A 48 -13.30 5.39 -4.82
C ARG A 48 -12.55 5.86 -6.07
N ALA A 49 -13.09 5.55 -7.25
CA ALA A 49 -12.58 6.11 -8.51
C ALA A 49 -13.77 6.38 -9.42
N PRO A 50 -13.71 7.47 -10.18
CA PRO A 50 -14.89 7.84 -10.95
C PRO A 50 -15.34 6.77 -11.93
N TRP A 51 -14.41 6.05 -12.55
CA TRP A 51 -14.76 5.06 -13.55
C TRP A 51 -15.56 3.88 -13.02
N ILE A 52 -15.54 3.68 -11.70
CA ILE A 52 -16.34 2.58 -11.15
C ILE A 52 -17.78 3.04 -10.92
N GLU A 53 -17.99 4.35 -10.88
CA GLU A 53 -19.34 4.89 -10.70
C GLU A 53 -20.20 4.62 -11.92
N GLN A 54 -19.59 4.11 -12.99
CA GLN A 54 -20.29 3.66 -14.20
C GLN A 54 -21.18 2.45 -13.91
N GLU A 55 -20.77 1.63 -12.94
CA GLU A 55 -21.51 0.43 -12.58
C GLU A 55 -22.82 0.81 -11.94
N GLY A 56 -23.87 0.03 -12.21
CA GLY A 56 -25.22 0.36 -11.72
C GLY A 56 -25.51 -0.12 -10.30
N PRO A 57 -26.72 0.19 -9.78
CA PRO A 57 -27.12 -0.18 -8.43
C PRO A 57 -26.96 -1.66 -8.13
N GLU A 58 -27.18 -2.52 -9.12
CA GLU A 58 -26.99 -3.96 -8.95
C GLU A 58 -25.56 -4.31 -8.55
N TYR A 59 -24.60 -3.66 -9.20
CA TYR A 59 -23.20 -3.89 -8.85
C TYR A 59 -23.00 -3.59 -7.39
N TRP A 60 -23.47 -2.42 -6.97
CA TRP A 60 -23.27 -1.98 -5.59
C TRP A 60 -23.96 -2.90 -4.60
N ASP A 61 -25.14 -3.38 -4.95
CA ASP A 61 -25.82 -4.42 -4.16
C ASP A 61 -24.99 -5.69 -4.05
N GLY A 62 -24.50 -6.19 -5.18
CA GLY A 62 -23.72 -7.43 -5.23
C GLY A 62 -22.41 -7.36 -4.44
N GLU A 63 -21.67 -6.28 -4.65
CA GLU A 63 -20.40 -6.13 -3.97
C GLU A 63 -20.61 -5.93 -2.48
N THR A 64 -21.72 -5.28 -2.12
CA THR A 64 -22.06 -5.12 -0.71
C THR A 64 -22.37 -6.47 -0.06
N ARG A 65 -23.14 -7.31 -0.75
CA ARG A 65 -23.51 -8.63 -0.23
C ARG A 65 -22.26 -9.51 -0.02
N LYS A 66 -21.42 -9.57 -1.04
CA LYS A 66 -20.19 -10.36 -0.96
C LYS A 66 -19.25 -9.84 0.11
N VAL A 67 -19.07 -8.53 0.18
CA VAL A 67 -18.09 -8.00 1.14
C VAL A 67 -18.57 -8.24 2.57
N LYS A 68 -19.88 -8.12 2.81
CA LYS A 68 -20.43 -8.44 4.13
C LYS A 68 -20.24 -9.91 4.47
N ALA A 69 -20.37 -10.77 3.47
CA ALA A 69 -20.09 -12.21 3.63
C ALA A 69 -18.61 -12.46 3.97
N HIS A 70 -17.71 -11.73 3.30
CA HIS A 70 -16.29 -11.79 3.64
C HIS A 70 -16.12 -11.44 5.12
N SER A 71 -16.74 -10.34 5.55
CA SER A 71 -16.64 -9.88 6.93
CA SER A 71 -16.63 -9.88 6.93
C SER A 71 -17.10 -10.94 7.93
N GLN A 72 -18.23 -11.59 7.63
CA GLN A 72 -18.70 -12.65 8.53
C GLN A 72 -17.76 -13.86 8.59
N THR A 73 -17.18 -14.22 7.44
CA THR A 73 -16.22 -15.32 7.45
C THR A 73 -15.03 -14.95 8.36
N HIS A 74 -14.56 -13.70 8.24
CA HIS A 74 -13.44 -13.27 9.08
C HIS A 74 -13.82 -13.25 10.56
N ARG A 75 -15.06 -12.92 10.86
CA ARG A 75 -15.52 -12.89 12.23
C ARG A 75 -15.41 -14.28 12.84
N VAL A 76 -15.90 -15.26 12.09
CA VAL A 76 -15.87 -16.65 12.56
C VAL A 76 -14.42 -17.14 12.66
N ASP A 77 -13.62 -16.80 11.65
CA ASP A 77 -12.19 -17.14 11.66
C ASP A 77 -11.45 -16.68 12.90
N LEU A 78 -11.67 -15.43 13.32
CA LEU A 78 -11.01 -14.89 14.51
C LEU A 78 -11.30 -15.78 15.72
N GLY A 79 -12.53 -16.28 15.83
CA GLY A 79 -12.84 -17.17 16.95
C GLY A 79 -12.20 -18.54 16.81
N THR A 80 -12.23 -19.09 15.60
CA THR A 80 -11.62 -20.40 15.35
C THR A 80 -10.12 -20.38 15.61
N LEU A 81 -9.46 -19.32 15.15
CA LEU A 81 -8.03 -19.16 15.33
C LEU A 81 -7.65 -19.01 16.80
N ARG A 82 -8.45 -18.25 17.56
CA ARG A 82 -8.25 -18.14 19.00
C ARG A 82 -8.24 -19.55 19.62
N GLY A 83 -9.15 -20.40 19.15
CA GLY A 83 -9.23 -21.79 19.62
C GLY A 83 -8.05 -22.64 19.19
N TYR A 84 -7.64 -22.52 17.92
CA TYR A 84 -6.52 -23.30 17.42
C TYR A 84 -5.25 -22.96 18.20
N TYR A 85 -5.10 -21.69 18.57
CA TYR A 85 -3.86 -21.24 19.19
C TYR A 85 -3.98 -21.13 20.70
N ASN A 86 -5.07 -21.67 21.23
CA ASN A 86 -5.32 -21.66 22.68
C ASN A 86 -5.17 -20.29 23.31
N GLN A 87 -5.73 -19.27 22.67
CA GLN A 87 -5.61 -17.91 23.17
C GLN A 87 -6.84 -17.46 23.96
N SER A 88 -6.65 -16.48 24.85
CA SER A 88 -7.78 -15.99 25.64
C SER A 88 -8.66 -15.04 24.85
N GLU A 89 -9.77 -14.64 25.44
CA GLU A 89 -10.69 -13.69 24.85
C GLU A 89 -10.22 -12.26 25.06
N ALA A 90 -9.17 -12.08 25.85
CA ALA A 90 -8.74 -10.75 26.29
C ALA A 90 -8.11 -9.87 25.22
N GLY A 91 -7.25 -10.44 24.39
CA GLY A 91 -6.46 -9.66 23.45
C GLY A 91 -7.10 -9.44 22.09
N SER A 92 -6.72 -8.37 21.42
CA SER A 92 -7.12 -8.17 20.05
C SER A 92 -6.23 -8.96 19.09
N HIS A 93 -6.85 -9.55 18.06
CA HIS A 93 -6.08 -10.25 17.03
C HIS A 93 -6.50 -9.79 15.64
N THR A 94 -5.70 -10.14 14.64
CA THR A 94 -5.88 -9.62 13.28
C THR A 94 -5.85 -10.75 12.29
N VAL A 95 -6.80 -10.73 11.36
CA VAL A 95 -6.65 -11.56 10.19
CA VAL A 95 -6.78 -11.60 10.18
C VAL A 95 -6.56 -10.66 8.98
N GLN A 96 -5.72 -11.07 8.03
CA GLN A 96 -5.56 -10.37 6.76
C GLN A 96 -5.65 -11.35 5.63
N ARG A 97 -6.30 -10.94 4.55
CA ARG A 97 -6.42 -11.76 3.36
C ARG A 97 -6.13 -10.87 2.17
N MET A 98 -5.43 -11.39 1.18
CA MET A 98 -5.23 -10.69 -0.08
C MET A 98 -5.44 -11.68 -1.19
N TYR A 99 -6.17 -11.30 -2.22
CA TYR A 99 -6.24 -12.13 -3.39
C TYR A 99 -6.34 -11.30 -4.63
N GLY A 100 -6.04 -11.91 -5.77
CA GLY A 100 -6.17 -11.19 -7.01
C GLY A 100 -5.44 -11.86 -8.16
N CYS A 101 -5.35 -11.13 -9.26
CA CYS A 101 -4.79 -11.69 -10.50
CA CYS A 101 -4.66 -11.72 -10.40
C CYS A 101 -3.88 -10.69 -11.19
N ASP A 102 -2.90 -11.21 -11.92
CA ASP A 102 -1.98 -10.44 -12.75
C ASP A 102 -2.24 -10.84 -14.18
N VAL A 103 -2.20 -9.86 -15.08
CA VAL A 103 -2.22 -10.13 -16.52
C VAL A 103 -1.06 -9.42 -17.19
N GLY A 104 -0.59 -9.94 -18.32
CA GLY A 104 0.50 -9.27 -19.03
C GLY A 104 -0.01 -8.17 -19.95
N SER A 105 0.89 -7.67 -20.78
CA SER A 105 0.59 -6.62 -21.75
CA SER A 105 0.53 -6.59 -21.69
C SER A 105 -0.55 -7.00 -22.70
N ASP A 106 -0.73 -8.30 -22.90
CA ASP A 106 -1.82 -8.77 -23.74
C ASP A 106 -3.11 -8.98 -22.98
N TRP A 107 -3.08 -8.63 -21.69
CA TRP A 107 -4.23 -8.76 -20.77
C TRP A 107 -4.64 -10.19 -20.55
N ARG A 108 -3.75 -11.12 -20.89
CA ARG A 108 -3.99 -12.53 -20.64
C ARG A 108 -3.47 -12.89 -19.26
N PHE A 109 -4.15 -13.85 -18.62
CA PHE A 109 -3.79 -14.31 -17.30
C PHE A 109 -2.32 -14.69 -17.18
N LEU A 110 -1.65 -14.18 -16.15
CA LEU A 110 -0.28 -14.56 -15.83
C LEU A 110 -0.24 -15.38 -14.55
N ARG A 111 -0.87 -14.86 -13.51
CA ARG A 111 -0.86 -15.58 -12.25
C ARG A 111 -1.95 -15.09 -11.33
N GLY A 112 -2.22 -15.90 -10.32
CA GLY A 112 -3.26 -15.60 -9.35
C GLY A 112 -2.70 -15.85 -7.99
N TYR A 113 -3.37 -15.31 -6.97
CA TYR A 113 -2.89 -15.30 -5.60
CA TYR A 113 -2.91 -15.52 -5.63
C TYR A 113 -4.05 -15.36 -4.63
N HIS A 114 -3.88 -16.04 -3.51
CA HIS A 114 -4.81 -15.92 -2.42
C HIS A 114 -4.06 -16.28 -1.14
N GLN A 115 -3.78 -15.29 -0.31
CA GLN A 115 -2.92 -15.52 0.86
C GLN A 115 -3.66 -15.06 2.10
N TYR A 116 -3.35 -15.67 3.24
CA TYR A 116 -4.07 -15.40 4.48
C TYR A 116 -3.04 -15.39 5.61
N ALA A 117 -3.19 -14.41 6.51
CA ALA A 117 -2.28 -14.22 7.66
C ALA A 117 -3.05 -14.03 8.95
N TYR A 118 -2.47 -14.54 10.04
CA TYR A 118 -3.04 -14.34 11.37
C TYR A 118 -1.99 -13.66 12.21
N ASP A 119 -2.38 -12.53 12.80
CA ASP A 119 -1.49 -11.72 13.62
C ASP A 119 -0.21 -11.37 12.89
N GLY A 120 -0.33 -11.10 11.58
CA GLY A 120 0.78 -10.59 10.77
C GLY A 120 1.77 -11.62 10.27
N LYS A 121 1.50 -12.90 10.53
CA LYS A 121 2.36 -13.98 10.08
C LYS A 121 1.64 -14.89 9.07
N ASP A 122 2.41 -15.48 8.16
CA ASP A 122 1.82 -16.42 7.19
C ASP A 122 1.00 -17.48 7.90
N TYR A 123 -0.16 -17.78 7.33
CA TYR A 123 -1.02 -18.80 7.86
C TYR A 123 -1.22 -19.86 6.77
N ILE A 124 -1.94 -19.49 5.72
CA ILE A 124 -2.12 -20.40 4.59
C ILE A 124 -2.18 -19.57 3.30
N ALA A 125 -1.62 -20.12 2.23
CA ALA A 125 -1.54 -19.45 0.95
C ALA A 125 -1.71 -20.46 -0.19
N LEU A 126 -2.43 -20.04 -1.22
CA LEU A 126 -2.55 -20.83 -2.43
C LEU A 126 -1.21 -20.80 -3.13
N LYS A 127 -0.74 -21.96 -3.59
CA LYS A 127 0.51 -22.02 -4.33
C LYS A 127 0.29 -21.50 -5.76
N GLU A 128 1.39 -21.27 -6.47
CA GLU A 128 1.36 -20.66 -7.80
C GLU A 128 0.55 -21.47 -8.80
N ASP A 129 0.53 -22.79 -8.66
CA ASP A 129 -0.23 -23.60 -9.60
C ASP A 129 -1.75 -23.54 -9.36
N LEU A 130 -2.16 -22.83 -8.31
CA LEU A 130 -3.56 -22.67 -7.93
C LEU A 130 -4.26 -24.00 -7.65
N ARG A 131 -3.48 -25.01 -7.26
CA ARG A 131 -3.99 -26.35 -7.04
C ARG A 131 -3.78 -26.90 -5.64
N SER A 132 -2.89 -26.28 -4.86
CA SER A 132 -2.65 -26.78 -3.51
C SER A 132 -2.20 -25.63 -2.63
N TRP A 133 -1.94 -25.96 -1.37
CA TRP A 133 -1.81 -24.95 -0.32
C TRP A 133 -0.50 -25.07 0.41
N THR A 134 0.00 -23.92 0.85
CA THR A 134 1.14 -23.84 1.73
C THR A 134 0.63 -23.45 3.11
N ALA A 135 0.74 -24.39 4.05
CA ALA A 135 0.28 -24.21 5.43
C ALA A 135 1.49 -24.10 6.31
N ALA A 136 1.57 -23.02 7.09
CA ALA A 136 2.80 -22.72 7.83
C ALA A 136 3.03 -23.59 9.07
N ASP A 137 1.96 -24.02 9.72
CA ASP A 137 2.04 -24.71 10.98
C ASP A 137 0.87 -25.71 11.10
N MET A 138 0.77 -26.40 12.23
CA MET A 138 -0.29 -27.41 12.37
C MET A 138 -1.72 -26.85 12.38
N ALA A 139 -1.93 -25.62 12.87
CA ALA A 139 -3.27 -25.08 12.81
C ALA A 139 -3.64 -24.87 11.35
N ALA A 140 -2.75 -24.26 10.60
CA ALA A 140 -3.03 -24.05 9.18
C ALA A 140 -3.17 -25.38 8.41
N GLN A 141 -2.49 -26.43 8.87
CA GLN A 141 -2.59 -27.77 8.29
CA GLN A 141 -2.61 -27.73 8.23
C GLN A 141 -4.02 -28.28 8.46
N THR A 142 -4.61 -28.05 9.65
CA THR A 142 -6.02 -28.37 9.84
CA THR A 142 -6.01 -28.40 9.82
C THR A 142 -6.91 -27.60 8.86
N THR A 143 -6.65 -26.30 8.72
CA THR A 143 -7.37 -25.53 7.69
C THR A 143 -7.17 -26.10 6.30
N LYS A 144 -5.94 -26.46 5.94
CA LYS A 144 -5.65 -27.10 4.65
C LYS A 144 -6.50 -28.32 4.43
N HIS A 145 -6.57 -29.19 5.42
CA HIS A 145 -7.43 -30.38 5.23
C HIS A 145 -8.88 -29.98 4.96
N LYS A 146 -9.37 -28.99 5.68
CA LYS A 146 -10.76 -28.55 5.53
C LYS A 146 -10.99 -28.00 4.13
N TRP A 147 -10.05 -27.19 3.67
CA TRP A 147 -10.16 -26.55 2.36
C TRP A 147 -9.96 -27.53 1.20
N GLU A 148 -9.19 -28.59 1.43
CA GLU A 148 -9.05 -29.69 0.47
C GLU A 148 -10.38 -30.40 0.34
N ALA A 149 -10.98 -30.73 1.49
CA ALA A 149 -12.26 -31.46 1.47
C ALA A 149 -13.35 -30.62 0.78
N ALA A 150 -13.25 -29.30 0.91
CA ALA A 150 -14.26 -28.40 0.33
C ALA A 150 -13.88 -27.94 -1.09
N HIS A 151 -12.73 -28.39 -1.59
CA HIS A 151 -12.31 -28.05 -2.97
C HIS A 151 -12.22 -26.54 -3.16
N VAL A 152 -11.68 -25.87 -2.16
CA VAL A 152 -11.59 -24.42 -2.19
C VAL A 152 -10.62 -23.95 -3.26
N ALA A 153 -9.53 -24.71 -3.44
CA ALA A 153 -8.54 -24.33 -4.46
C ALA A 153 -9.19 -24.28 -5.84
N GLU A 154 -10.07 -25.25 -6.10
CA GLU A 154 -10.69 -25.35 -7.41
C GLU A 154 -11.61 -24.16 -7.65
N GLN A 155 -12.36 -23.78 -6.64
CA GLN A 155 -13.23 -22.63 -6.75
CA GLN A 155 -13.23 -22.62 -6.72
C GLN A 155 -12.40 -21.38 -7.00
N LEU A 156 -11.33 -21.19 -6.23
CA LEU A 156 -10.47 -20.02 -6.38
C LEU A 156 -9.79 -19.97 -7.72
N ARG A 157 -9.30 -21.10 -8.20
CA ARG A 157 -8.69 -21.15 -9.51
C ARG A 157 -9.65 -20.61 -10.59
N ALA A 158 -10.91 -21.01 -10.50
CA ALA A 158 -11.90 -20.62 -11.52
C ALA A 158 -12.12 -19.11 -11.47
N TYR A 159 -12.22 -18.56 -10.27
CA TYR A 159 -12.40 -17.13 -10.09
C TYR A 159 -11.18 -16.37 -10.56
N LEU A 160 -10.00 -16.80 -10.15
CA LEU A 160 -8.76 -16.11 -10.51
C LEU A 160 -8.44 -16.11 -11.99
N GLU A 161 -8.69 -17.23 -12.67
CA GLU A 161 -8.39 -17.33 -14.09
C GLU A 161 -9.52 -16.78 -14.92
N GLY A 162 -10.70 -16.69 -14.32
CA GLY A 162 -11.90 -16.34 -15.07
C GLY A 162 -12.38 -14.96 -14.74
N THR A 163 -13.32 -14.89 -13.79
CA THR A 163 -13.93 -13.66 -13.32
C THR A 163 -12.95 -12.52 -13.04
N CYS A 164 -11.88 -12.83 -12.31
CA CYS A 164 -10.86 -11.85 -11.95
CA CYS A 164 -10.94 -11.79 -11.96
C CYS A 164 -10.32 -11.14 -13.18
N VAL A 165 -9.83 -11.92 -14.14
CA VAL A 165 -9.23 -11.39 -15.36
C VAL A 165 -10.28 -10.70 -16.24
N GLU A 166 -11.48 -11.28 -16.31
CA GLU A 166 -12.58 -10.68 -17.06
C GLU A 166 -12.94 -9.30 -16.54
N TRP A 167 -13.14 -9.16 -15.23
CA TRP A 167 -13.50 -7.86 -14.68
C TRP A 167 -12.33 -6.85 -14.65
N LEU A 168 -11.11 -7.35 -14.45
CA LEU A 168 -9.93 -6.50 -14.66
C LEU A 168 -9.95 -5.86 -16.06
N ARG A 169 -10.16 -6.67 -17.10
CA ARG A 169 -10.28 -6.16 -18.48
C ARG A 169 -11.39 -5.10 -18.57
N ARG A 170 -12.54 -5.40 -18.00
CA ARG A 170 -13.64 -4.45 -17.97
C ARG A 170 -13.26 -3.12 -17.36
N TYR A 171 -12.66 -3.17 -16.17
CA TYR A 171 -12.27 -1.96 -15.48
C TYR A 171 -11.22 -1.17 -16.28
N LEU A 172 -10.26 -1.88 -16.87
CA LEU A 172 -9.21 -1.26 -17.69
C LEU A 172 -9.83 -0.45 -18.82
N GLU A 173 -10.88 -1.02 -19.42
CA GLU A 173 -11.53 -0.42 -20.57
C GLU A 173 -12.37 0.77 -20.13
N ASN A 174 -13.19 0.59 -19.10
CA ASN A 174 -13.98 1.69 -18.59
C ASN A 174 -13.14 2.86 -18.01
N GLY A 175 -11.98 2.53 -17.46
CA GLY A 175 -11.14 3.55 -16.83
C GLY A 175 -9.95 3.92 -17.69
N LYS A 176 -10.05 3.64 -18.98
CA LYS A 176 -8.92 3.75 -19.89
C LYS A 176 -8.19 5.09 -19.79
N GLU A 177 -8.94 6.18 -19.70
CA GLU A 177 -8.35 7.53 -19.68
C GLU A 177 -7.28 7.74 -18.62
N THR A 178 -7.41 7.03 -17.49
CA THR A 178 -6.40 7.09 -16.44
C THR A 178 -5.67 5.76 -16.25
N LEU A 179 -6.41 4.64 -16.30
CA LEU A 179 -5.82 3.35 -15.97
C LEU A 179 -4.81 2.91 -17.01
N GLN A 180 -5.04 3.30 -18.27
CA GLN A 180 -4.11 2.92 -19.34
C GLN A 180 -3.12 4.02 -19.69
N ARG A 181 -3.13 5.10 -18.93
CA ARG A 181 -2.22 6.19 -19.15
C ARG A 181 -1.03 6.04 -18.21
N THR A 182 0.18 6.24 -18.72
CA THR A 182 1.36 6.34 -17.88
C THR A 182 1.75 7.79 -17.68
N ASP A 183 2.19 8.09 -16.46
CA ASP A 183 2.61 9.42 -16.12
C ASP A 183 4.09 9.31 -15.81
N ALA A 184 4.91 9.82 -16.71
CA ALA A 184 6.36 9.78 -16.53
C ALA A 184 6.78 10.65 -15.36
N PRO A 185 7.81 10.19 -14.64
CA PRO A 185 8.33 10.99 -13.53
C PRO A 185 8.85 12.35 -13.97
N LYS A 186 8.50 13.37 -13.19
CA LYS A 186 9.10 14.68 -13.33
CA LYS A 186 9.08 14.69 -13.30
C LYS A 186 10.30 14.70 -12.40
N THR A 187 11.47 14.94 -12.96
CA THR A 187 12.71 14.78 -12.19
C THR A 187 13.47 16.06 -12.04
N HIS A 188 14.15 16.18 -10.90
CA HIS A 188 15.10 17.26 -10.65
C HIS A 188 16.10 16.81 -9.61
N MET A 189 17.18 17.58 -9.50
CA MET A 189 18.20 17.30 -8.51
CA MET A 189 18.25 17.33 -8.56
C MET A 189 18.37 18.46 -7.56
N THR A 190 18.58 18.14 -6.29
CA THR A 190 18.94 19.17 -5.35
C THR A 190 20.29 18.88 -4.74
N HIS A 191 20.85 19.91 -4.13
CA HIS A 191 22.20 19.88 -3.58
C HIS A 191 22.21 20.45 -2.17
N HIS A 192 22.96 19.81 -1.28
CA HIS A 192 23.15 20.35 0.07
C HIS A 192 24.60 20.19 0.54
N ALA A 193 25.16 21.21 1.18
CA ALA A 193 26.49 21.07 1.74
C ALA A 193 26.39 20.59 3.18
N VAL A 194 27.00 19.46 3.51
CA VAL A 194 27.01 19.01 4.90
C VAL A 194 28.10 19.73 5.71
N SER A 195 29.28 19.84 5.11
CA SER A 195 30.44 20.45 5.72
C SER A 195 31.22 21.06 4.56
N ASP A 196 32.40 21.61 4.82
CA ASP A 196 33.24 22.13 3.74
C ASP A 196 33.72 21.05 2.77
N HIS A 197 33.61 19.78 3.16
CA HIS A 197 34.20 18.74 2.33
C HIS A 197 33.18 17.70 1.80
N GLU A 198 31.94 17.76 2.27
CA GLU A 198 30.94 16.73 1.95
C GLU A 198 29.64 17.40 1.46
N ALA A 199 29.09 16.90 0.35
CA ALA A 199 27.80 17.35 -0.16
C ALA A 199 26.86 16.19 -0.42
N THR A 200 25.56 16.48 -0.37
CA THR A 200 24.50 15.51 -0.69
C THR A 200 23.84 15.92 -1.97
N LEU A 201 23.74 14.99 -2.91
CA LEU A 201 22.91 15.20 -4.08
C LEU A 201 21.68 14.36 -3.93
N ARG A 202 20.50 14.96 -4.15
CA ARG A 202 19.26 14.21 -4.07
C ARG A 202 18.53 14.27 -5.39
N CYS A 203 18.30 13.09 -5.95
CA CYS A 203 17.63 12.98 -7.22
C CYS A 203 16.16 12.60 -6.98
N TRP A 204 15.29 13.48 -7.49
CA TRP A 204 13.86 13.41 -7.23
C TRP A 204 13.06 12.92 -8.44
N ALA A 205 12.08 12.06 -8.14
CA ALA A 205 11.10 11.65 -9.12
C ALA A 205 9.68 11.92 -8.55
N LEU A 206 8.91 12.71 -9.28
CA LEU A 206 7.61 13.15 -8.80
C LEU A 206 6.51 12.91 -9.81
N SER A 207 5.28 12.77 -9.31
CA SER A 207 4.12 12.83 -10.17
CA SER A 207 4.06 12.79 -10.11
C SER A 207 4.04 11.67 -11.14
N PHE A 208 4.55 10.50 -10.75
CA PHE A 208 4.54 9.35 -11.66
C PHE A 208 3.45 8.33 -11.36
N TYR A 209 3.10 7.59 -12.41
CA TYR A 209 2.13 6.47 -12.34
C TYR A 209 2.46 5.53 -13.48
N PRO A 210 2.51 4.19 -13.23
CA PRO A 210 2.29 3.51 -11.94
C PRO A 210 3.46 3.69 -10.97
N ALA A 211 3.35 3.07 -9.80
CA ALA A 211 4.33 3.26 -8.71
C ALA A 211 5.72 2.69 -8.97
N GLU A 212 5.80 1.62 -9.76
CA GLU A 212 7.07 0.97 -10.02
C GLU A 212 8.06 1.94 -10.68
N ILE A 213 9.26 2.03 -10.11
CA ILE A 213 10.27 2.91 -10.66
C ILE A 213 11.62 2.44 -10.18
N THR A 214 12.66 2.76 -10.95
CA THR A 214 13.99 2.55 -10.40
CA THR A 214 14.04 2.52 -10.51
C THR A 214 14.87 3.79 -10.56
N LEU A 215 15.50 4.13 -9.45
CA LEU A 215 16.40 5.28 -9.38
C LEU A 215 17.74 4.78 -8.91
N THR A 216 18.77 5.14 -9.66
CA THR A 216 20.12 4.74 -9.29
C THR A 216 21.12 5.83 -9.53
N TRP A 217 22.26 5.70 -8.86
CA TRP A 217 23.41 6.57 -9.04
C TRP A 217 24.57 5.85 -9.69
N GLN A 218 25.28 6.59 -10.52
CA GLN A 218 26.56 6.12 -11.05
CA GLN A 218 26.56 6.13 -11.05
C GLN A 218 27.64 7.15 -10.74
N ARG A 219 28.86 6.64 -10.53
CA ARG A 219 30.03 7.51 -10.35
C ARG A 219 30.98 7.14 -11.48
N ASP A 220 31.32 8.13 -12.31
CA ASP A 220 32.16 7.91 -13.49
C ASP A 220 31.62 6.76 -14.32
N GLY A 221 30.30 6.68 -14.45
CA GLY A 221 29.67 5.61 -15.27
C GLY A 221 29.64 4.21 -14.68
N GLU A 222 29.95 4.09 -13.40
CA GLU A 222 29.86 2.81 -12.70
C GLU A 222 28.81 2.89 -11.59
N ASP A 223 27.98 1.86 -11.44
CA ASP A 223 26.98 1.83 -10.37
C ASP A 223 27.58 2.13 -8.99
N GLN A 224 26.88 3.00 -8.27
CA GLN A 224 27.27 3.47 -6.95
CA GLN A 224 27.27 3.44 -6.94
C GLN A 224 26.12 3.23 -5.96
N THR A 225 26.31 2.33 -5.00
CA THR A 225 25.30 2.08 -3.98
C THR A 225 25.77 2.50 -2.59
N GLN A 226 27.08 2.42 -2.35
CA GLN A 226 27.59 2.94 -1.09
C GLN A 226 27.35 4.44 -1.00
N ASP A 227 27.07 4.87 0.23
CA ASP A 227 26.82 6.28 0.54
C ASP A 227 25.58 6.81 -0.16
N THR A 228 24.66 5.91 -0.45
CA THR A 228 23.38 6.32 -1.00
C THR A 228 22.24 6.01 -0.06
N GLU A 229 21.18 6.79 -0.19
CA GLU A 229 19.94 6.58 0.56
C GLU A 229 18.77 6.61 -0.42
N LEU A 230 17.98 5.54 -0.43
CA LEU A 230 16.84 5.39 -1.35
C LEU A 230 15.56 5.25 -0.53
N VAL A 231 14.68 6.26 -0.56
CA VAL A 231 13.45 6.17 0.25
C VAL A 231 12.39 5.31 -0.39
N GLU A 232 11.49 4.79 0.44
CA GLU A 232 10.36 4.02 -0.02
C GLU A 232 9.48 4.93 -0.93
N THR A 233 9.05 4.38 -2.05
CA THR A 233 8.04 5.03 -2.91
C THR A 233 6.81 5.38 -2.07
N ARG A 234 6.31 6.60 -2.26
CA ARG A 234 5.25 7.17 -1.39
C ARG A 234 4.16 7.80 -2.25
N PRO A 235 2.92 7.72 -1.77
CA PRO A 235 1.82 8.32 -2.54
C PRO A 235 1.80 9.85 -2.40
N ALA A 236 1.60 10.54 -3.51
CA ALA A 236 1.45 12.01 -3.44
C ALA A 236 0.11 12.42 -2.82
N GLY A 237 -0.91 11.58 -2.99
CA GLY A 237 -2.24 11.87 -2.48
C GLY A 237 -3.21 12.24 -3.60
N ASP A 238 -2.70 12.40 -4.81
CA ASP A 238 -3.54 12.77 -5.97
C ASP A 238 -3.51 11.65 -6.99
N GLY A 239 -3.08 10.48 -6.54
CA GLY A 239 -3.08 9.28 -7.35
C GLY A 239 -1.72 8.95 -7.94
N THR A 240 -0.80 9.91 -7.88
CA THR A 240 0.57 9.70 -8.34
C THR A 240 1.51 9.35 -7.18
N PHE A 241 2.77 9.09 -7.51
CA PHE A 241 3.77 8.62 -6.57
C PHE A 241 5.03 9.46 -6.65
N GLN A 242 5.83 9.36 -5.58
CA GLN A 242 7.09 10.10 -5.46
C GLN A 242 8.17 9.20 -4.92
N LYS A 243 9.41 9.49 -5.27
CA LYS A 243 10.56 8.76 -4.72
C LYS A 243 11.78 9.64 -4.90
N TRP A 244 12.78 9.45 -4.05
CA TRP A 244 14.09 10.04 -4.32
C TRP A 244 15.21 9.11 -3.89
N VAL A 245 16.39 9.40 -4.41
CA VAL A 245 17.60 8.71 -3.99
C VAL A 245 18.70 9.75 -3.86
N ALA A 246 19.48 9.63 -2.79
CA ALA A 246 20.52 10.61 -2.53
C ALA A 246 21.86 9.93 -2.45
N VAL A 247 22.90 10.70 -2.70
CA VAL A 247 24.28 10.23 -2.60
C VAL A 247 25.11 11.30 -1.91
N VAL A 248 26.05 10.86 -1.07
CA VAL A 248 27.02 11.75 -0.41
C VAL A 248 28.31 11.71 -1.23
N VAL A 249 28.80 12.89 -1.59
CA VAL A 249 29.96 13.02 -2.46
C VAL A 249 30.99 14.00 -1.91
N PRO A 250 32.27 13.87 -2.31
CA PRO A 250 33.22 14.93 -1.92
C PRO A 250 32.82 16.23 -2.58
N SER A 251 32.75 17.32 -1.79
CA SER A 251 32.48 18.66 -2.31
C SER A 251 33.41 18.96 -3.47
N GLY A 252 32.87 19.43 -4.60
CA GLY A 252 33.66 19.67 -5.81
C GLY A 252 33.70 18.54 -6.82
N GLN A 253 33.22 17.36 -6.45
CA GLN A 253 33.30 16.20 -7.35
C GLN A 253 31.91 15.80 -7.87
N GLU A 254 30.94 16.69 -7.69
CA GLU A 254 29.55 16.45 -8.11
C GLU A 254 29.40 15.98 -9.56
N GLN A 255 30.29 16.44 -10.43
CA GLN A 255 30.20 16.21 -11.86
C GLN A 255 30.39 14.74 -12.22
N ARG A 256 30.97 13.97 -11.32
CA ARG A 256 31.20 12.54 -11.60
C ARG A 256 29.93 11.74 -11.44
N TYR A 257 28.93 12.33 -10.80
CA TYR A 257 27.77 11.58 -10.35
C TYR A 257 26.56 11.84 -11.23
N THR A 258 25.96 10.75 -11.67
CA THR A 258 24.74 10.81 -12.47
C THR A 258 23.62 9.95 -11.88
N CYS A 259 22.41 10.51 -11.96
CA CYS A 259 21.22 9.77 -11.57
C CYS A 259 20.51 9.21 -12.79
N HIS A 260 20.00 7.99 -12.64
CA HIS A 260 19.39 7.23 -13.73
C HIS A 260 18.01 6.78 -13.33
N VAL A 261 17.04 7.10 -14.19
CA VAL A 261 15.64 6.92 -13.86
C VAL A 261 15.01 6.00 -14.90
N GLN A 262 14.45 4.88 -14.44
CA GLN A 262 13.67 3.95 -15.26
C GLN A 262 12.21 3.92 -14.81
N HIS A 263 11.31 4.05 -15.78
CA HIS A 263 9.88 4.03 -15.54
C HIS A 263 9.14 3.68 -16.83
N GLU A 264 8.02 2.96 -16.68
CA GLU A 264 7.20 2.59 -17.83
C GLU A 264 6.80 3.79 -18.72
N GLY A 265 6.67 4.98 -18.15
CA GLY A 265 6.29 6.18 -18.89
C GLY A 265 7.43 6.87 -19.65
N LEU A 266 8.65 6.33 -19.51
CA LEU A 266 9.82 6.88 -20.16
C LEU A 266 10.28 5.92 -21.27
N PRO A 267 10.12 6.32 -22.55
CA PRO A 267 10.55 5.44 -23.64
C PRO A 267 12.01 4.99 -23.55
N LYS A 268 12.87 5.83 -22.98
CA LYS A 268 14.22 5.42 -22.64
C LYS A 268 14.58 6.01 -21.27
N PRO A 269 15.37 5.28 -20.45
CA PRO A 269 15.73 5.82 -19.13
C PRO A 269 16.41 7.19 -19.22
N LEU A 270 16.19 8.01 -18.21
CA LEU A 270 16.57 9.41 -18.19
C LEU A 270 17.81 9.55 -17.32
N THR A 271 18.68 10.50 -17.66
CA THR A 271 19.88 10.77 -16.85
C THR A 271 19.86 12.22 -16.36
N LEU A 272 20.25 12.42 -15.11
CA LEU A 272 20.34 13.76 -14.55
C LEU A 272 21.73 13.97 -13.97
N ARG A 273 22.20 15.21 -14.08
CA ARG A 273 23.46 15.62 -13.49
C ARG A 273 23.26 16.92 -12.69
N TRP A 274 24.21 17.24 -11.81
CA TRP A 274 24.10 18.46 -11.02
C TRP A 274 24.41 19.78 -11.74
N GLU A 275 25.60 19.89 -12.34
CA GLU A 275 26.10 21.19 -12.84
C GLU A 275 25.31 22.41 -12.34
N MET B 1 4.57 -12.95 18.45
CA MET B 1 3.80 -11.71 18.22
C MET B 1 4.73 -10.50 18.23
N ILE B 2 5.85 -10.60 17.53
CA ILE B 2 6.77 -9.47 17.44
C ILE B 2 6.13 -8.35 16.60
N GLN B 3 5.93 -7.21 17.23
CA GLN B 3 5.27 -6.10 16.58
C GLN B 3 6.28 -5.33 15.73
N ARG B 4 5.80 -4.63 14.71
CA ARG B 4 6.66 -3.91 13.78
C ARG B 4 6.41 -2.40 13.90
N THR B 5 7.48 -1.63 13.99
CA THR B 5 7.37 -0.19 14.22
CA THR B 5 7.41 -0.19 14.21
C THR B 5 7.18 0.55 12.89
N PRO B 6 6.41 1.65 12.91
CA PRO B 6 6.16 2.36 11.63
C PRO B 6 7.36 3.13 11.12
N LYS B 7 7.55 3.08 9.80
CA LYS B 7 8.40 4.03 9.07
C LYS B 7 7.54 5.28 8.86
N ILE B 8 8.17 6.45 8.79
CA ILE B 8 7.45 7.70 8.68
C ILE B 8 8.10 8.58 7.63
N GLN B 9 7.28 9.11 6.71
CA GLN B 9 7.72 10.19 5.84
C GLN B 9 6.71 11.34 5.90
N VAL B 10 7.21 12.56 6.02
CA VAL B 10 6.36 13.76 6.01
CA VAL B 10 6.35 13.75 5.99
C VAL B 10 6.80 14.63 4.82
N TYR B 11 5.82 15.05 4.02
CA TYR B 11 6.12 15.73 2.74
C TYR B 11 4.88 16.35 2.16
N SER B 12 5.04 17.19 1.13
CA SER B 12 3.90 17.82 0.48
C SER B 12 3.43 17.10 -0.79
N ARG B 13 2.14 17.24 -1.09
CA ARG B 13 1.55 16.64 -2.28
C ARG B 13 2.11 17.24 -3.55
N HIS B 14 2.15 18.57 -3.61
CA HIS B 14 2.69 19.28 -4.74
C HIS B 14 3.95 20.00 -4.28
N PRO B 15 4.78 20.43 -5.22
CA PRO B 15 5.97 21.25 -4.92
C PRO B 15 5.61 22.44 -4.03
N ALA B 16 6.30 22.59 -2.91
CA ALA B 16 5.84 23.57 -1.91
C ALA B 16 6.28 24.97 -2.26
N GLU B 17 5.30 25.87 -2.36
CA GLU B 17 5.57 27.29 -2.57
C GLU B 17 4.71 28.13 -1.63
N ASN B 18 5.32 29.16 -1.06
CA ASN B 18 4.61 30.04 -0.15
C ASN B 18 3.39 30.72 -0.79
N GLY B 19 2.30 30.80 -0.02
CA GLY B 19 1.08 31.36 -0.52
C GLY B 19 0.25 30.49 -1.44
N LYS B 20 0.77 29.31 -1.80
CA LYS B 20 0.02 28.47 -2.73
C LYS B 20 -0.55 27.25 -2.02
N SER B 21 -1.86 27.09 -2.10
CA SER B 21 -2.59 25.99 -1.47
C SER B 21 -1.99 24.64 -1.88
N ASN B 22 -1.95 23.69 -0.94
CA ASN B 22 -1.23 22.41 -1.12
C ASN B 22 -1.80 21.39 -0.12
N PHE B 23 -1.19 20.20 -0.06
CA PHE B 23 -1.54 19.23 1.00
C PHE B 23 -0.28 18.75 1.70
N LEU B 24 -0.37 18.60 3.02
CA LEU B 24 0.73 18.09 3.81
C LEU B 24 0.42 16.62 4.11
N ASN B 25 1.40 15.76 3.86
CA ASN B 25 1.22 14.30 3.98
C ASN B 25 2.09 13.71 5.07
N CYS B 26 1.56 12.71 5.80
CA CYS B 26 2.37 11.85 6.63
C CYS B 26 2.06 10.42 6.25
N TYR B 27 3.05 9.76 5.67
CA TYR B 27 2.90 8.38 5.20
C TYR B 27 3.56 7.47 6.24
N VAL B 28 2.75 6.62 6.85
CA VAL B 28 3.26 5.66 7.81
C VAL B 28 3.14 4.26 7.19
N SER B 29 4.19 3.47 7.32
CA SER B 29 4.21 2.16 6.68
C SER B 29 5.03 1.15 7.47
N GLY B 30 4.88 -0.11 7.13
CA GLY B 30 5.72 -1.18 7.69
C GLY B 30 5.37 -1.54 9.11
N PHE B 31 4.18 -1.16 9.58
CA PHE B 31 3.83 -1.40 10.97
C PHE B 31 2.84 -2.53 11.21
N HIS B 32 2.87 -3.10 12.42
CA HIS B 32 1.90 -4.10 12.84
C HIS B 32 1.97 -4.13 14.36
N PRO B 33 0.82 -4.18 15.04
CA PRO B 33 -0.55 -4.24 14.57
C PRO B 33 -1.07 -2.92 14.01
N SER B 34 -2.33 -2.92 13.59
CA SER B 34 -2.89 -1.83 12.78
C SER B 34 -3.23 -0.55 13.54
N ASP B 35 -3.44 -0.65 14.85
CA ASP B 35 -3.82 0.52 15.62
C ASP B 35 -2.64 1.47 15.64
N ILE B 36 -2.89 2.73 15.28
CA ILE B 36 -1.84 3.75 15.23
C ILE B 36 -2.47 5.13 15.36
N GLU B 37 -1.75 6.03 16.01
CA GLU B 37 -2.17 7.44 16.16
C GLU B 37 -1.24 8.34 15.35
N VAL B 38 -1.80 9.14 14.45
CA VAL B 38 -1.01 10.02 13.60
C VAL B 38 -1.60 11.41 13.67
N ASP B 39 -0.80 12.37 14.11
CA ASP B 39 -1.21 13.76 14.11
C ASP B 39 -0.33 14.57 13.19
N LEU B 40 -0.92 15.56 12.52
CA LEU B 40 -0.11 16.54 11.80
C LEU B 40 -0.05 17.77 12.71
N LEU B 41 1.12 18.38 12.80
CA LEU B 41 1.32 19.52 13.70
C LEU B 41 1.68 20.79 12.93
N LYS B 42 1.10 21.91 13.35
CA LYS B 42 1.49 23.22 12.84
C LYS B 42 2.02 24.04 14.01
N ASN B 43 3.31 24.39 13.95
CA ASN B 43 4.01 25.06 15.04
C ASN B 43 3.82 24.34 16.38
N GLY B 44 3.92 23.01 16.33
CA GLY B 44 3.81 22.17 17.51
C GLY B 44 2.39 21.82 17.93
N GLU B 45 1.41 22.40 17.25
CA GLU B 45 0.00 22.20 17.60
C GLU B 45 -0.74 21.26 16.67
N ARG B 46 -1.58 20.40 17.23
CA ARG B 46 -2.31 19.43 16.43
C ARG B 46 -3.26 20.16 15.51
N ILE B 47 -3.18 19.83 14.22
CA ILE B 47 -4.12 20.32 13.22
C ILE B 47 -5.37 19.44 13.30
N GLU B 48 -6.54 20.07 13.39
CA GLU B 48 -7.79 19.34 13.60
C GLU B 48 -8.36 18.66 12.36
N LYS B 49 -8.30 19.34 11.22
CA LYS B 49 -8.92 18.80 10.02
C LYS B 49 -7.94 17.90 9.26
N VAL B 50 -7.81 16.64 9.69
CA VAL B 50 -6.91 15.68 9.02
C VAL B 50 -7.63 14.39 8.59
N GLU B 51 -7.46 14.02 7.34
CA GLU B 51 -8.07 12.82 6.79
C GLU B 51 -7.00 11.76 6.60
N HIS B 52 -7.43 10.52 6.41
CA HIS B 52 -6.49 9.46 6.09
C HIS B 52 -7.08 8.46 5.13
N SER B 53 -6.19 7.76 4.44
CA SER B 53 -6.56 6.70 3.52
C SER B 53 -7.15 5.50 4.24
N ASP B 54 -7.74 4.61 3.45
CA ASP B 54 -8.26 3.32 3.95
C ASP B 54 -7.11 2.33 4.18
N LEU B 55 -7.13 1.71 5.36
CA LEU B 55 -6.09 0.75 5.75
C LEU B 55 -5.84 -0.33 4.69
N SER B 56 -4.57 -0.50 4.35
CA SER B 56 -4.18 -1.58 3.44
C SER B 56 -2.81 -2.07 3.90
N PHE B 57 -2.25 -3.05 3.19
CA PHE B 57 -1.00 -3.65 3.64
C PHE B 57 -0.17 -4.15 2.49
N SER B 58 1.11 -4.36 2.78
CA SER B 58 2.02 -4.84 1.75
CA SER B 58 2.09 -4.82 1.81
C SER B 58 2.20 -6.35 1.81
N LYS B 59 3.03 -6.87 0.92
CA LYS B 59 3.25 -8.31 0.78
C LYS B 59 3.61 -9.02 2.08
N ASP B 60 4.42 -8.35 2.89
CA ASP B 60 4.88 -8.87 4.17
C ASP B 60 3.86 -8.68 5.29
N TRP B 61 2.67 -8.20 4.92
CA TRP B 61 1.53 -8.06 5.85
C TRP B 61 1.58 -6.78 6.67
N SER B 62 2.66 -6.00 6.53
CA SER B 62 2.73 -4.75 7.28
CA SER B 62 2.78 -4.72 7.23
C SER B 62 1.78 -3.69 6.70
N PHE B 63 1.20 -2.90 7.61
CA PHE B 63 0.20 -1.90 7.23
C PHE B 63 0.79 -0.60 6.74
N TYR B 64 0.02 0.13 5.95
CA TYR B 64 0.39 1.50 5.61
C TYR B 64 -0.87 2.37 5.54
N LEU B 65 -0.65 3.65 5.83
CA LEU B 65 -1.67 4.71 5.81
C LEU B 65 -1.09 6.02 5.36
N LEU B 66 -1.88 6.79 4.62
CA LEU B 66 -1.54 8.17 4.33
C LEU B 66 -2.49 9.09 5.11
N TYR B 67 -1.93 9.99 5.93
CA TYR B 67 -2.65 11.08 6.62
C TYR B 67 -2.36 12.39 5.90
N TYR B 68 -3.37 13.22 5.73
CA TYR B 68 -3.18 14.41 4.90
C TYR B 68 -4.14 15.56 5.25
N THR B 69 -3.66 16.79 5.06
CA THR B 69 -4.48 17.98 5.29
C THR B 69 -4.09 19.08 4.32
N GLU B 70 -5.07 19.93 3.97
CA GLU B 70 -4.78 21.05 3.11
C GLU B 70 -3.98 22.02 3.94
N PHE B 71 -3.02 22.71 3.32
CA PHE B 71 -2.30 23.77 4.00
C PHE B 71 -1.68 24.69 2.97
N THR B 72 -1.51 25.94 3.35
CA THR B 72 -0.86 26.90 2.49
C THR B 72 0.43 27.22 3.19
N PRO B 73 1.55 26.70 2.68
CA PRO B 73 2.81 26.95 3.35
C PRO B 73 3.11 28.44 3.43
N THR B 74 3.80 28.83 4.49
CA THR B 74 4.40 30.16 4.60
C THR B 74 5.86 29.96 5.01
N GLU B 75 6.64 31.04 4.98
CA GLU B 75 8.05 30.97 5.35
C GLU B 75 8.24 30.64 6.84
N LYS B 76 7.31 31.09 7.67
CA LYS B 76 7.49 30.99 9.12
C LYS B 76 6.93 29.71 9.76
N ASP B 77 5.87 29.15 9.18
CA ASP B 77 5.17 28.04 9.83
C ASP B 77 5.95 26.74 9.73
N GLU B 78 6.11 26.06 10.85
CA GLU B 78 6.80 24.77 10.91
C GLU B 78 5.80 23.66 11.03
N TYR B 79 6.00 22.60 10.23
CA TYR B 79 5.06 21.50 10.23
C TYR B 79 5.77 20.19 10.58
C TYR B 79 5.77 20.19 10.58
N ALA B 80 5.03 19.25 11.14
CA ALA B 80 5.59 17.97 11.55
C ALA B 80 4.52 16.93 11.63
N CYS B 81 4.95 15.67 11.77
CA CYS B 81 4.04 14.53 11.97
CA CYS B 81 4.01 14.57 12.01
C CYS B 81 4.40 13.84 13.29
N ARG B 82 3.40 13.55 14.11
CA ARG B 82 3.61 12.90 15.40
C ARG B 82 2.88 11.57 15.41
N VAL B 83 3.63 10.51 15.68
CA VAL B 83 3.10 9.18 15.55
C VAL B 83 3.26 8.42 16.86
N ASN B 84 2.19 7.77 17.29
CA ASN B 84 2.31 6.80 18.36
C ASN B 84 1.81 5.43 17.93
N HIS B 85 2.39 4.38 18.52
CA HIS B 85 2.10 3.00 18.16
C HIS B 85 2.52 2.17 19.35
N VAL B 86 2.00 0.96 19.46
CA VAL B 86 2.37 0.10 20.60
C VAL B 86 3.88 -0.11 20.69
N THR B 87 4.57 -0.12 19.55
CA THR B 87 6.02 -0.33 19.52
C THR B 87 6.85 0.87 19.98
N LEU B 88 6.22 2.02 20.14
CA LEU B 88 6.92 3.23 20.53
C LEU B 88 6.67 3.52 22.01
N SER B 89 7.75 3.76 22.75
CA SER B 89 7.65 4.10 24.16
C SER B 89 7.23 5.56 24.35
N GLN B 90 7.62 6.42 23.41
CA GLN B 90 7.18 7.81 23.38
CA GLN B 90 7.16 7.81 23.38
C GLN B 90 6.80 8.17 21.94
N PRO B 91 5.89 9.16 21.76
CA PRO B 91 5.53 9.60 20.41
C PRO B 91 6.76 9.95 19.60
N LYS B 92 6.75 9.60 18.32
CA LYS B 92 7.83 9.93 17.41
C LYS B 92 7.42 11.14 16.55
N ILE B 93 8.28 12.15 16.51
CA ILE B 93 8.00 13.35 15.73
C ILE B 93 9.00 13.46 14.61
N VAL B 94 8.48 13.67 13.41
CA VAL B 94 9.32 13.90 12.24
C VAL B 94 8.91 15.25 11.65
N LYS B 95 9.88 16.14 11.51
CA LYS B 95 9.62 17.46 10.96
C LYS B 95 9.54 17.43 9.44
N TRP B 96 8.66 18.27 8.89
CA TRP B 96 8.63 18.50 7.47
C TRP B 96 9.83 19.32 7.08
N ASP B 97 10.57 18.85 6.10
CA ASP B 97 11.73 19.54 5.61
C ASP B 97 11.53 19.83 4.13
N ARG B 98 11.23 21.08 3.81
CA ARG B 98 10.93 21.49 2.43
C ARG B 98 12.20 21.68 1.57
N ASP B 99 13.36 21.71 2.21
CA ASP B 99 14.65 21.84 1.50
C ASP B 99 15.12 20.51 0.90
N MET B 100 14.52 19.41 1.34
CA MET B 100 14.88 18.07 0.87
C MET B 100 14.92 17.96 -0.66
N ASN C 1 -14.36 -6.98 -8.91
CA ASN C 1 -15.50 -7.91 -8.62
C ASN C 1 -15.01 -8.97 -7.62
N LEU C 2 -15.59 -8.99 -6.43
CA LEU C 2 -15.17 -9.87 -5.32
C LEU C 2 -15.50 -11.33 -5.62
N VAL C 3 -14.73 -12.26 -5.05
CA VAL C 3 -15.05 -13.67 -5.17
C VAL C 3 -16.41 -13.91 -4.49
N PRO C 4 -17.21 -14.85 -5.04
CA PRO C 4 -18.60 -14.94 -4.57
C PRO C 4 -18.76 -15.72 -3.28
N MET C 5 -17.67 -16.33 -2.79
CA MET C 5 -17.68 -16.84 -1.42
C MET C 5 -16.28 -17.16 -0.93
N VAL C 6 -16.09 -16.95 0.36
CA VAL C 6 -14.88 -17.41 1.02
C VAL C 6 -15.27 -18.55 1.96
N HIS C 7 -14.26 -19.22 2.50
CA HIS C 7 -14.49 -20.35 3.34
C HIS C 7 -13.81 -20.11 4.65
N THR C 8 -14.46 -20.49 5.74
CA THR C 8 -13.91 -20.31 7.07
CA THR C 8 -13.89 -20.29 7.05
C THR C 8 -12.72 -21.24 7.30
N VAL C 9 -11.77 -20.79 8.12
CA VAL C 9 -10.55 -21.57 8.42
C VAL C 9 -10.82 -22.72 9.37
#